data_9J73
#
_entry.id   9J73
#
_cell.length_a   1.00
_cell.length_b   1.00
_cell.length_c   1.00
_cell.angle_alpha   90.00
_cell.angle_beta   90.00
_cell.angle_gamma   90.00
#
_symmetry.space_group_name_H-M   'P 1'
#
loop_
_entity.id
_entity.type
_entity.pdbx_description
1 polymer 'Solute carrier family 22 member 12'
2 non-polymer [3,5-bis(bromanyl)-4-oxidanyl-phenyl]-(2-ethyl-1-benzofuran-3-yl)methanone
#
_entity_poly.entity_id   1
_entity_poly.type   'polypeptide(L)'
_entity_poly.pdbx_seq_one_letter_code
;MAFPELLDRVGGRGRFQLLQAVALVTPILWVTTQSMLENFSAAVPHHRCWVPLLDNSTSQASIPGDFGRDVLLAVSIPPG
PDQRPHQCLRFRQPQWQLIESNTTATNWSDADTEPCEDGWVYDHSTFRSTIVTTWDLVCDSQALRPMAQSIFLAGILVGA
AVCGHASDRFGRRRVLTWSYLLVSVSGTIAALMPTFPLYCLFRFLVASAVAGVMMNTASLLMEWTSAQAGPLMMTLNALG
FSFGQVLTGSVAYGVRSWRMLQLAVSAPFFLFFVYSWWLPESARWLITVGRLDQSLRELQRVAAVNRRKAEADTLTVEVL
RSAMQEEPNGNQAGARLGTLLHTPGLRLRTFISMLCWFAFGFTFFGLALDLQALGSNIFLLQALIGIVDLPVKMGSLLLL
SRLGRRLCQASSLVLPGLCILANILVPREMGILRSSLAVLGLGSLGAAFTCVTIFSSELFPTVIRMTAVGLGQVAARGGA
MLGPLVRLLGVYGSWLPLLVYGVVPVLSGLAALLLPETKNLPLPDTIQDIQKQSVKKVTHDIAGGSVLKSARL
;
_entity_poly.pdbx_strand_id   A
#
loop_
_chem_comp.id
_chem_comp.type
_chem_comp.name
_chem_comp.formula
R75 non-polymer [3,5-bis(bromanyl)-4-oxidanyl-phenyl]-(2-ethyl-1-benzofuran-3-yl)methanone 'C17 H12 Br2 O3'
#
# COMPACT_ATOMS: atom_id res chain seq x y z
N ALA A 2 10.99 -28.72 -19.91
CA ALA A 2 11.41 -29.87 -19.12
C ALA A 2 11.93 -29.44 -17.76
N PHE A 3 11.92 -28.12 -17.53
CA PHE A 3 12.46 -27.58 -16.29
C PHE A 3 11.89 -28.19 -15.02
N PRO A 4 10.60 -28.51 -14.91
CA PRO A 4 10.12 -29.17 -13.68
C PRO A 4 10.85 -30.47 -13.39
N GLU A 5 11.28 -31.21 -14.41
CA GLU A 5 12.03 -32.43 -14.17
C GLU A 5 13.37 -32.14 -13.49
N LEU A 6 14.09 -31.12 -13.97
CA LEU A 6 15.35 -30.76 -13.31
C LEU A 6 15.09 -30.22 -11.91
N LEU A 7 13.99 -29.49 -11.71
CA LEU A 7 13.67 -28.99 -10.38
C LEU A 7 13.40 -30.14 -9.42
N ASP A 8 12.67 -31.15 -9.86
CA ASP A 8 12.44 -32.33 -9.03
C ASP A 8 13.74 -33.08 -8.77
N ARG A 9 14.61 -33.18 -9.78
CA ARG A 9 15.90 -33.80 -9.60
C ARG A 9 16.76 -33.05 -8.58
N VAL A 10 16.60 -31.73 -8.52
CA VAL A 10 17.45 -30.90 -7.67
C VAL A 10 16.80 -30.59 -6.32
N GLY A 11 15.49 -30.77 -6.18
CA GLY A 11 14.84 -30.46 -4.92
C GLY A 11 13.33 -30.44 -4.94
N GLY A 12 12.76 -29.36 -4.40
CA GLY A 12 11.33 -29.29 -4.16
C GLY A 12 11.04 -29.31 -2.68
N ARG A 13 10.48 -28.23 -2.14
CA ARG A 13 10.35 -28.03 -0.69
C ARG A 13 11.77 -28.11 -0.13
N GLY A 14 12.03 -28.92 0.89
CA GLY A 14 13.38 -29.00 1.43
C GLY A 14 13.73 -27.78 2.28
N ARG A 15 15.00 -27.39 2.20
CA ARG A 15 15.52 -26.30 3.01
C ARG A 15 15.60 -24.97 2.25
N PHE A 16 16.35 -24.94 1.14
CA PHE A 16 16.67 -23.68 0.47
C PHE A 16 15.42 -22.89 0.11
N GLN A 17 14.37 -23.59 -0.32
CA GLN A 17 13.13 -22.92 -0.70
C GLN A 17 12.42 -22.30 0.50
N LEU A 18 12.88 -22.57 1.72
CA LEU A 18 12.35 -21.90 2.90
C LEU A 18 13.16 -20.67 3.28
N LEU A 19 14.49 -20.77 3.27
CA LEU A 19 15.30 -19.59 3.56
C LEU A 19 15.13 -18.52 2.48
N GLN A 20 15.00 -18.92 1.22
CA GLN A 20 14.75 -17.93 0.18
C GLN A 20 13.45 -17.19 0.43
N ALA A 21 12.39 -17.92 0.78
CA ALA A 21 11.11 -17.28 1.08
C ALA A 21 11.23 -16.36 2.28
N VAL A 22 11.95 -16.79 3.32
CA VAL A 22 12.10 -15.95 4.51
C VAL A 22 12.86 -14.67 4.16
N ALA A 23 13.93 -14.77 3.37
CA ALA A 23 14.73 -13.61 3.04
C ALA A 23 14.04 -12.68 2.05
N LEU A 24 13.09 -13.19 1.27
CA LEU A 24 12.36 -12.34 0.34
C LEU A 24 11.09 -11.74 0.94
N VAL A 25 10.48 -12.40 1.93
CA VAL A 25 9.24 -11.89 2.51
C VAL A 25 9.53 -10.66 3.37
N THR A 26 10.63 -10.67 4.11
CA THR A 26 10.93 -9.56 5.01
C THR A 26 10.94 -8.19 4.34
N PRO A 27 11.51 -8.01 3.14
CA PRO A 27 11.41 -6.68 2.50
C PRO A 27 10.00 -6.21 2.24
N ILE A 28 9.04 -7.13 2.12
CA ILE A 28 7.66 -6.74 1.84
C ILE A 28 7.09 -5.91 2.98
N LEU A 29 7.49 -6.20 4.23
CA LEU A 29 6.99 -5.45 5.37
C LEU A 29 7.37 -3.97 5.26
N TRP A 30 8.65 -3.69 4.99
CA TRP A 30 9.07 -2.30 4.84
C TRP A 30 8.55 -1.68 3.54
N VAL A 31 8.31 -2.51 2.52
CA VAL A 31 7.68 -2.00 1.30
C VAL A 31 6.29 -1.47 1.62
N THR A 32 5.52 -2.20 2.44
CA THR A 32 4.27 -1.69 2.95
C THR A 32 4.50 -0.43 3.79
N THR A 33 5.55 -0.43 4.60
CA THR A 33 5.82 0.73 5.45
C THR A 33 6.02 2.01 4.65
N GLN A 34 6.65 1.92 3.48
CA GLN A 34 6.89 3.12 2.68
C GLN A 34 5.68 3.54 1.87
N SER A 35 4.61 2.75 1.83
CA SER A 35 3.41 3.12 1.10
C SER A 35 2.34 3.74 1.98
N MET A 36 2.12 3.19 3.17
CA MET A 36 1.16 3.75 4.12
C MET A 36 1.80 4.75 5.06
N LEU A 37 3.07 5.12 4.84
CA LEU A 37 3.70 6.15 5.64
C LEU A 37 3.07 7.51 5.42
N GLU A 38 2.33 7.70 4.32
CA GLU A 38 1.65 8.96 4.07
C GLU A 38 0.34 8.99 4.85
N ASN A 39 0.39 8.64 6.13
CA ASN A 39 -0.76 8.71 7.02
C ASN A 39 -0.35 9.30 8.35
N PHE A 40 0.92 9.10 8.73
CA PHE A 40 1.49 9.70 9.93
C PHE A 40 2.54 10.76 9.61
N SER A 41 2.93 10.89 8.35
CA SER A 41 3.84 11.95 7.93
C SER A 41 3.08 13.20 7.49
N ALA A 42 2.04 13.03 6.68
CA ALA A 42 1.19 14.14 6.27
C ALA A 42 -0.10 14.13 7.10
N ALA A 43 0.08 14.40 8.39
CA ALA A 43 -1.04 14.52 9.32
C ALA A 43 -1.39 15.98 9.49
N VAL A 44 -2.69 16.26 9.59
CA VAL A 44 -3.20 17.62 9.66
C VAL A 44 -3.69 17.86 11.08
N PRO A 45 -2.92 18.54 11.93
CA PRO A 45 -3.43 18.88 13.27
C PRO A 45 -4.30 20.13 13.22
N HIS A 46 -4.86 20.51 14.36
CA HIS A 46 -5.70 21.70 14.43
C HIS A 46 -4.84 22.95 14.27
N HIS A 47 -5.25 23.82 13.35
CA HIS A 47 -4.48 25.02 13.02
C HIS A 47 -5.32 26.26 13.23
N ARG A 48 -4.72 27.29 13.82
CA ARG A 48 -5.35 28.58 14.03
C ARG A 48 -4.47 29.67 13.43
N CYS A 49 -4.99 30.89 13.43
CA CYS A 49 -4.29 32.03 12.84
C CYS A 49 -3.43 32.70 13.89
N TRP A 50 -2.24 33.15 13.47
CA TRP A 50 -1.33 33.84 14.37
C TRP A 50 -1.91 35.19 14.76
N VAL A 51 -1.75 35.54 16.03
CA VAL A 51 -2.32 36.78 16.58
C VAL A 51 -1.21 37.56 17.26
N PRO A 52 -1.21 38.90 17.20
CA PRO A 52 -0.27 39.66 18.05
C PRO A 52 -0.66 39.70 19.51
N LEU A 53 -1.95 39.65 19.83
CA LEU A 53 -2.37 39.69 21.23
C LEU A 53 -1.98 38.40 21.95
N LEU A 54 -2.26 37.26 21.34
CA LEU A 54 -1.86 35.98 21.89
C LEU A 54 -0.52 35.57 21.28
N ASP A 55 0.06 34.48 21.80
CA ASP A 55 1.34 33.96 21.32
C ASP A 55 2.44 35.03 21.36
N ASN A 56 2.42 35.86 22.41
CA ASN A 56 3.37 36.96 22.59
C ASN A 56 3.29 37.95 21.43
N SER A 57 4.20 38.92 21.42
CA SER A 57 4.22 39.92 20.36
C SER A 57 5.06 39.47 19.18
N GLY A 68 -7.37 36.61 30.86
CA GLY A 68 -8.26 35.65 30.26
C GLY A 68 -7.82 35.20 28.88
N ARG A 69 -7.20 34.01 28.83
CA ARG A 69 -6.75 33.47 27.54
C ARG A 69 -7.93 33.17 26.63
N ASP A 70 -9.00 32.60 27.18
CA ASP A 70 -10.18 32.30 26.38
C ASP A 70 -10.85 33.58 25.88
N VAL A 71 -10.84 34.63 26.69
CA VAL A 71 -11.39 35.91 26.25
C VAL A 71 -10.62 36.44 25.05
N LEU A 72 -9.29 36.38 25.11
CA LEU A 72 -8.48 36.81 23.97
C LEU A 72 -8.75 35.96 22.74
N LEU A 73 -8.87 34.64 22.93
CA LEU A 73 -9.13 33.75 21.80
C LEU A 73 -10.47 34.08 21.14
N ALA A 74 -11.49 34.35 21.96
CA ALA A 74 -12.80 34.69 21.41
C ALA A 74 -12.81 36.04 20.73
N VAL A 75 -12.08 37.03 21.28
CA VAL A 75 -12.09 38.37 20.69
C VAL A 75 -11.20 38.45 19.46
N SER A 76 -10.24 37.55 19.29
CA SER A 76 -9.30 37.63 18.18
C SER A 76 -9.77 36.88 16.93
N ILE A 77 -10.41 35.73 17.09
CA ILE A 77 -10.78 34.88 15.97
C ILE A 77 -12.29 34.74 15.94
N PRO A 78 -12.95 34.95 14.80
CA PRO A 78 -14.39 34.73 14.74
C PRO A 78 -14.72 33.26 14.90
N PRO A 79 -15.90 32.94 15.44
CA PRO A 79 -16.28 31.54 15.61
C PRO A 79 -16.44 30.83 14.27
N GLY A 80 -16.15 29.52 14.29
CA GLY A 80 -16.29 28.70 13.11
C GLY A 80 -17.56 27.87 13.14
N PRO A 81 -17.88 27.22 12.03
CA PRO A 81 -19.15 26.47 11.97
C PRO A 81 -19.16 25.22 12.83
N ASP A 82 -18.09 24.43 12.81
CA ASP A 82 -18.08 23.14 13.49
C ASP A 82 -17.61 23.24 14.94
N GLN A 83 -18.22 24.16 15.69
CA GLN A 83 -17.99 24.31 17.13
C GLN A 83 -16.51 24.46 17.45
N ARG A 84 -15.78 25.15 16.58
CA ARG A 84 -14.35 25.35 16.73
C ARG A 84 -14.01 26.76 16.27
N PRO A 85 -12.90 27.33 16.74
CA PRO A 85 -12.43 28.60 16.19
C PRO A 85 -12.14 28.47 14.71
N HIS A 86 -12.38 29.54 13.96
CA HIS A 86 -12.16 29.52 12.53
C HIS A 86 -10.69 29.24 12.21
N GLN A 87 -10.47 28.32 11.27
CA GLN A 87 -9.13 27.89 10.88
C GLN A 87 -8.61 28.63 9.65
N CYS A 88 -9.37 29.58 9.12
CA CYS A 88 -8.96 30.27 7.90
C CYS A 88 -9.25 31.77 7.89
N LEU A 89 -9.67 32.35 9.01
CA LEU A 89 -10.07 33.76 9.00
C LEU A 89 -9.68 34.40 10.32
N ARG A 90 -9.56 35.73 10.31
CA ARG A 90 -9.13 36.48 11.48
C ARG A 90 -9.75 37.87 11.43
N PHE A 91 -9.81 38.50 12.60
CA PHE A 91 -10.29 39.88 12.71
C PHE A 91 -9.17 40.86 12.41
N ARG A 92 -9.51 41.92 11.68
CA ARG A 92 -8.54 42.97 11.38
C ARG A 92 -8.08 43.67 12.66
N GLN A 93 -9.02 43.99 13.55
CA GLN A 93 -8.73 44.62 14.83
C GLN A 93 -9.51 43.89 15.91
N PRO A 94 -9.02 43.90 17.16
CA PRO A 94 -9.75 43.24 18.25
C PRO A 94 -11.15 43.80 18.43
N GLN A 95 -12.16 42.96 18.22
CA GLN A 95 -13.56 43.38 18.33
C GLN A 95 -13.97 43.36 19.79
N TRP A 96 -13.57 44.41 20.51
CA TRP A 96 -13.83 44.50 21.95
C TRP A 96 -15.32 44.65 22.26
N GLN A 97 -16.16 44.92 21.26
CA GLN A 97 -17.60 44.97 21.50
C GLN A 97 -18.13 43.64 22.02
N LEU A 98 -17.48 42.54 21.65
CA LEU A 98 -17.87 41.21 22.12
C LEU A 98 -17.34 41.03 23.54
N ILE A 99 -18.25 41.00 24.51
CA ILE A 99 -17.87 40.86 25.90
C ILE A 99 -17.43 39.44 26.19
N ALA A 111 -17.81 40.32 9.58
CA ALA A 111 -18.06 41.55 8.83
C ALA A 111 -16.84 41.94 8.00
N ASP A 112 -15.82 42.48 8.66
CA ASP A 112 -14.58 42.89 8.02
C ASP A 112 -13.46 42.00 8.52
N THR A 113 -12.99 41.09 7.66
CA THR A 113 -11.99 40.11 8.04
C THR A 113 -10.96 39.98 6.93
N GLU A 114 -9.77 39.52 7.31
CA GLU A 114 -8.68 39.29 6.36
C GLU A 114 -8.11 37.89 6.56
N PRO A 115 -7.51 37.29 5.53
CA PRO A 115 -6.98 35.94 5.69
C PRO A 115 -5.62 35.94 6.38
N CYS A 116 -5.16 34.76 6.81
CA CYS A 116 -3.93 34.66 7.56
C CYS A 116 -2.75 35.12 6.71
N GLU A 117 -1.94 36.02 7.26
CA GLU A 117 -0.76 36.54 6.57
C GLU A 117 0.51 36.45 7.40
N ASP A 118 0.42 36.14 8.69
CA ASP A 118 1.59 35.96 9.54
C ASP A 118 1.92 34.50 9.77
N GLY A 119 1.36 33.61 8.97
CA GLY A 119 1.53 32.19 9.14
C GLY A 119 0.55 31.62 10.17
N TRP A 120 0.44 30.30 10.16
CA TRP A 120 -0.47 29.62 11.07
C TRP A 120 0.27 29.15 12.33
N VAL A 121 -0.51 28.80 13.34
CA VAL A 121 -0.01 28.14 14.54
C VAL A 121 -0.73 26.81 14.63
N TYR A 122 0.03 25.75 14.94
CA TYR A 122 -0.50 24.40 14.94
C TYR A 122 -0.55 23.84 16.36
N ASP A 123 -1.14 22.65 16.47
CA ASP A 123 -1.28 21.98 17.76
C ASP A 123 -0.21 20.90 17.82
N HIS A 124 0.75 21.09 18.72
CA HIS A 124 1.82 20.12 18.93
C HIS A 124 1.50 19.32 20.20
N SER A 125 0.67 18.30 20.05
CA SER A 125 0.33 17.41 21.15
C SER A 125 0.40 15.94 20.80
N THR A 126 0.32 15.57 19.53
CA THR A 126 0.42 14.17 19.13
C THR A 126 1.50 14.00 18.07
N PHE A 127 1.73 15.04 17.27
CA PHE A 127 2.78 15.05 16.27
C PHE A 127 3.65 16.27 16.48
N ARG A 128 4.95 16.10 16.32
CA ARG A 128 5.91 17.18 16.52
C ARG A 128 6.10 18.02 15.27
N SER A 129 6.25 17.37 14.11
CA SER A 129 6.46 18.10 12.86
C SER A 129 6.02 17.19 11.71
N THR A 130 4.91 17.57 11.06
CA THR A 130 4.48 16.91 9.85
C THR A 130 4.86 17.76 8.63
N ILE A 131 4.63 17.23 7.43
CA ILE A 131 4.92 18.03 6.24
C ILE A 131 3.98 19.23 6.16
N VAL A 132 2.74 19.07 6.66
CA VAL A 132 1.80 20.17 6.66
C VAL A 132 2.29 21.29 7.57
N THR A 133 2.82 20.93 8.75
CA THR A 133 3.36 21.93 9.66
C THR A 133 4.55 22.64 9.02
N THR A 134 5.41 21.90 8.31
CA THR A 134 6.59 22.49 7.72
C THR A 134 6.27 23.42 6.55
N TRP A 135 5.37 23.02 5.64
CA TRP A 135 5.19 23.75 4.40
C TRP A 135 3.83 24.41 4.27
N ASP A 136 3.03 24.43 5.35
CA ASP A 136 1.76 25.17 5.39
C ASP A 136 0.82 24.74 4.27
N LEU A 137 0.46 23.47 4.27
CA LEU A 137 -0.48 22.93 3.28
C LEU A 137 -1.90 22.90 3.84
N VAL A 138 -2.39 24.08 4.22
CA VAL A 138 -3.73 24.24 4.77
C VAL A 138 -4.43 25.40 4.09
N CYS A 139 -5.72 25.54 4.39
CA CYS A 139 -6.54 26.68 3.99
C CYS A 139 -6.62 26.72 2.47
N ASP A 140 -6.13 27.77 1.80
CA ASP A 140 -6.25 27.86 0.35
C ASP A 140 -5.46 26.75 -0.33
N SER A 141 -4.25 26.47 0.16
CA SER A 141 -3.43 25.41 -0.40
C SER A 141 -3.79 24.08 0.25
N GLN A 142 -5.02 23.65 0.00
CA GLN A 142 -5.53 22.39 0.52
C GLN A 142 -5.47 21.27 -0.50
N ALA A 143 -5.69 21.58 -1.79
CA ALA A 143 -5.70 20.54 -2.81
C ALA A 143 -4.33 19.91 -3.02
N LEU A 144 -3.27 20.52 -2.49
CA LEU A 144 -1.94 19.95 -2.65
C LEU A 144 -1.78 18.62 -1.91
N ARG A 145 -2.40 18.48 -0.74
CA ARG A 145 -2.25 17.28 0.08
C ARG A 145 -2.80 16.04 -0.61
N PRO A 146 -4.01 16.05 -1.17
CA PRO A 146 -4.52 14.83 -1.84
C PRO A 146 -3.88 14.55 -3.19
N MET A 147 -2.87 15.31 -3.61
CA MET A 147 -2.18 15.06 -4.88
C MET A 147 -0.85 14.35 -4.71
N ALA A 148 -0.20 14.51 -3.55
CA ALA A 148 1.06 13.82 -3.29
C ALA A 148 0.90 12.31 -3.22
N GLN A 149 -0.32 11.81 -2.99
CA GLN A 149 -0.60 10.39 -3.00
C GLN A 149 -0.97 9.88 -4.39
N SER A 150 -1.72 10.69 -5.16
CA SER A 150 -1.97 10.33 -6.55
C SER A 150 -0.68 10.27 -7.35
N ILE A 151 0.24 11.22 -7.12
CA ILE A 151 1.52 11.19 -7.79
C ILE A 151 2.30 9.94 -7.41
N PHE A 152 2.24 9.55 -6.13
CA PHE A 152 2.90 8.33 -5.67
C PHE A 152 2.35 7.09 -6.38
N LEU A 153 1.03 6.97 -6.44
CA LEU A 153 0.46 5.79 -7.08
C LEU A 153 0.73 5.78 -8.58
N ALA A 154 0.74 6.96 -9.20
CA ALA A 154 1.11 7.05 -10.61
C ALA A 154 2.54 6.57 -10.79
N GLY A 155 3.41 6.91 -9.84
CA GLY A 155 4.77 6.41 -9.85
C GLY A 155 4.84 4.91 -9.75
N ILE A 156 4.00 4.33 -8.89
CA ILE A 156 3.93 2.87 -8.75
C ILE A 156 3.56 2.26 -10.10
N LEU A 157 2.55 2.85 -10.76
CA LEU A 157 2.11 2.33 -12.05
C LEU A 157 3.23 2.40 -13.08
N VAL A 158 3.92 3.54 -13.17
CA VAL A 158 4.93 3.75 -14.21
C VAL A 158 6.18 2.95 -13.89
N GLY A 159 6.32 2.53 -12.63
CA GLY A 159 7.46 1.70 -12.26
C GLY A 159 7.18 0.23 -12.47
N ALA A 160 5.92 -0.17 -12.34
CA ALA A 160 5.51 -1.53 -12.61
C ALA A 160 5.31 -1.79 -14.10
N ALA A 161 5.17 -0.72 -14.89
CA ALA A 161 5.10 -0.87 -16.34
C ALA A 161 6.49 -1.07 -16.95
N VAL A 162 7.47 -0.27 -16.57
CA VAL A 162 8.81 -0.33 -17.17
C VAL A 162 9.52 -1.60 -16.73
N CYS A 163 9.42 -1.94 -15.45
CA CYS A 163 10.18 -3.03 -14.87
C CYS A 163 9.83 -4.36 -15.54
N GLY A 164 8.66 -4.43 -16.16
CA GLY A 164 8.29 -5.61 -16.91
C GLY A 164 9.25 -5.87 -18.06
N HIS A 165 9.50 -4.87 -18.90
CA HIS A 165 10.50 -5.01 -19.95
C HIS A 165 11.85 -4.50 -19.46
N ALA A 166 12.25 -4.91 -18.26
CA ALA A 166 13.57 -4.61 -17.73
C ALA A 166 14.21 -5.89 -17.20
N SER A 167 13.38 -6.78 -16.66
CA SER A 167 13.85 -8.02 -16.05
C SER A 167 14.06 -9.11 -17.09
N ASP A 168 14.10 -8.72 -18.37
CA ASP A 168 14.42 -9.67 -19.43
C ASP A 168 15.72 -9.37 -20.15
N ARG A 169 16.33 -8.20 -19.97
CA ARG A 169 17.58 -7.87 -20.63
C ARG A 169 18.66 -7.60 -19.59
N PHE A 170 18.29 -7.67 -18.31
CA PHE A 170 19.22 -7.42 -17.21
C PHE A 170 19.29 -8.61 -16.27
N GLY A 171 18.44 -9.60 -16.48
CA GLY A 171 18.32 -10.71 -15.55
C GLY A 171 17.15 -10.51 -14.62
N ARG A 172 17.12 -11.21 -13.49
CA ARG A 172 16.01 -11.08 -12.56
C ARG A 172 16.50 -10.84 -11.13
N ARG A 173 17.74 -11.23 -10.86
CA ARG A 173 18.30 -11.03 -9.52
C ARG A 173 18.98 -9.68 -9.39
N ARG A 174 19.68 -9.24 -10.43
CA ARG A 174 20.38 -7.96 -10.37
C ARG A 174 19.40 -6.80 -10.19
N VAL A 175 18.27 -6.87 -10.90
CA VAL A 175 17.29 -5.78 -10.83
C VAL A 175 16.77 -5.64 -9.41
N LEU A 176 16.58 -6.75 -8.70
CA LEU A 176 16.11 -6.66 -7.32
C LEU A 176 17.10 -5.92 -6.44
N THR A 177 18.39 -6.25 -6.56
CA THR A 177 19.40 -5.59 -5.73
C THR A 177 19.49 -4.10 -6.06
N TRP A 178 19.51 -3.77 -7.34
CA TRP A 178 19.59 -2.36 -7.71
C TRP A 178 18.34 -1.61 -7.29
N SER A 179 17.19 -2.27 -7.28
CA SER A 179 15.97 -1.62 -6.81
C SER A 179 15.99 -1.41 -5.30
N TYR A 180 16.55 -2.36 -4.55
CA TYR A 180 16.76 -2.13 -3.12
C TYR A 180 17.64 -0.90 -2.88
N LEU A 181 18.75 -0.82 -3.61
CA LEU A 181 19.64 0.32 -3.44
C LEU A 181 18.96 1.62 -3.83
N LEU A 182 18.17 1.60 -4.91
CA LEU A 182 17.44 2.80 -5.33
C LEU A 182 16.44 3.24 -4.27
N VAL A 183 15.71 2.28 -3.69
CA VAL A 183 14.77 2.61 -2.62
C VAL A 183 15.50 3.27 -1.46
N SER A 184 16.63 2.68 -1.06
CA SER A 184 17.38 3.21 0.07
C SER A 184 17.84 4.64 -0.21
N VAL A 185 18.48 4.87 -1.35
CA VAL A 185 19.04 6.18 -1.66
C VAL A 185 17.93 7.22 -1.81
N SER A 186 16.85 6.89 -2.53
CA SER A 186 15.78 7.85 -2.74
C SER A 186 15.06 8.17 -1.44
N GLY A 187 14.83 7.17 -0.58
CA GLY A 187 14.22 7.44 0.71
C GLY A 187 15.09 8.31 1.59
N THR A 188 16.41 8.08 1.59
CA THR A 188 17.30 8.94 2.36
C THR A 188 17.30 10.36 1.83
N ILE A 189 17.33 10.53 0.51
CA ILE A 189 17.40 11.86 -0.07
C ILE A 189 16.09 12.63 0.13
N ALA A 190 14.96 11.94 0.00
CA ALA A 190 13.65 12.60 0.08
C ALA A 190 13.38 13.17 1.47
N ALA A 191 14.16 12.80 2.48
CA ALA A 191 13.94 13.28 3.83
C ALA A 191 14.73 14.54 4.15
N LEU A 192 15.46 15.10 3.18
CA LEU A 192 16.29 16.27 3.41
C LEU A 192 16.04 17.33 2.34
N MET A 193 14.81 17.39 1.83
CA MET A 193 14.51 18.38 0.80
C MET A 193 13.94 19.65 1.43
N PRO A 194 14.23 20.82 0.86
CA PRO A 194 13.70 22.07 1.41
C PRO A 194 12.44 22.60 0.75
N THR A 195 11.98 22.00 -0.35
CA THR A 195 10.79 22.49 -1.04
C THR A 195 9.91 21.32 -1.43
N PHE A 196 8.62 21.62 -1.61
CA PHE A 196 7.62 20.58 -1.88
C PHE A 196 7.87 19.82 -3.18
N PRO A 197 8.12 20.47 -4.33
CA PRO A 197 8.22 19.69 -5.58
C PRO A 197 9.30 18.62 -5.58
N LEU A 198 10.43 18.88 -4.95
CA LEU A 198 11.46 17.85 -4.85
C LEU A 198 10.99 16.68 -4.00
N TYR A 199 10.25 16.94 -2.92
CA TYR A 199 9.68 15.86 -2.13
C TYR A 199 8.64 15.07 -2.93
N CYS A 200 7.87 15.72 -3.79
CA CYS A 200 6.95 15.02 -4.67
C CYS A 200 7.66 14.15 -5.69
N LEU A 201 8.76 14.62 -6.27
CA LEU A 201 9.53 13.87 -7.26
C LEU A 201 10.27 12.68 -6.67
N PHE A 202 10.91 12.86 -5.52
CA PHE A 202 11.66 11.75 -4.94
C PHE A 202 10.72 10.68 -4.40
N ARG A 203 9.54 11.07 -3.92
CA ARG A 203 8.54 10.06 -3.57
C ARG A 203 8.06 9.30 -4.80
N PHE A 204 7.95 9.99 -5.94
CA PHE A 204 7.64 9.32 -7.20
C PHE A 204 8.68 8.25 -7.53
N LEU A 205 9.96 8.61 -7.40
CA LEU A 205 11.02 7.63 -7.62
C LEU A 205 10.93 6.47 -6.64
N VAL A 206 10.67 6.78 -5.36
CA VAL A 206 10.54 5.73 -4.35
C VAL A 206 9.42 4.76 -4.72
N ALA A 207 8.28 5.30 -5.17
CA ALA A 207 7.15 4.45 -5.53
C ALA A 207 7.49 3.56 -6.72
N SER A 208 8.15 4.11 -7.73
CA SER A 208 8.52 3.27 -8.88
C SER A 208 9.45 2.14 -8.45
N ALA A 209 10.46 2.45 -7.64
CA ALA A 209 11.39 1.42 -7.20
C ALA A 209 10.68 0.39 -6.32
N VAL A 210 9.73 0.81 -5.50
CA VAL A 210 9.00 -0.11 -4.64
C VAL A 210 8.15 -1.07 -5.48
N ALA A 211 7.50 -0.55 -6.53
CA ALA A 211 6.74 -1.43 -7.42
C ALA A 211 7.66 -2.44 -8.09
N GLY A 212 8.83 -1.99 -8.53
CA GLY A 212 9.79 -2.93 -9.11
C GLY A 212 10.20 -4.01 -8.13
N VAL A 213 10.47 -3.62 -6.88
CA VAL A 213 10.82 -4.59 -5.85
C VAL A 213 9.70 -5.62 -5.67
N MET A 214 8.46 -5.17 -5.56
CA MET A 214 7.30 -6.06 -5.35
C MET A 214 6.98 -6.98 -6.50
N MET A 215 7.21 -6.58 -7.73
CA MET A 215 7.01 -7.50 -8.85
C MET A 215 8.17 -8.48 -8.97
N ASN A 216 9.40 -8.01 -8.79
CA ASN A 216 10.55 -8.91 -8.88
C ASN A 216 10.53 -9.94 -7.76
N THR A 217 10.17 -9.54 -6.55
CA THR A 217 10.08 -10.52 -5.45
C THR A 217 9.03 -11.56 -5.73
N ALA A 218 7.87 -11.14 -6.25
CA ALA A 218 6.82 -12.10 -6.58
C ALA A 218 7.31 -13.09 -7.63
N SER A 219 7.97 -12.58 -8.68
CA SER A 219 8.44 -13.47 -9.74
C SER A 219 9.52 -14.42 -9.23
N LEU A 220 10.44 -13.94 -8.39
CA LEU A 220 11.51 -14.80 -7.89
C LEU A 220 10.96 -15.87 -6.96
N LEU A 221 9.98 -15.52 -6.12
CA LEU A 221 9.30 -16.55 -5.34
C LEU A 221 8.57 -17.55 -6.22
N MET A 222 7.98 -17.09 -7.32
CA MET A 222 7.26 -17.93 -8.26
C MET A 222 8.16 -18.97 -8.93
N GLU A 223 9.28 -18.52 -9.49
CA GLU A 223 10.02 -19.32 -10.46
C GLU A 223 10.77 -20.47 -9.81
N TRP A 224 11.46 -20.20 -8.71
CA TRP A 224 12.33 -21.21 -8.11
C TRP A 224 11.56 -22.34 -7.44
N THR A 225 10.27 -22.15 -7.18
CA THR A 225 9.47 -23.14 -6.49
C THR A 225 8.91 -24.17 -7.47
N SER A 226 8.47 -25.30 -6.92
CA SER A 226 7.90 -26.38 -7.72
C SER A 226 6.47 -26.07 -8.11
N ALA A 227 5.75 -27.07 -8.60
CA ALA A 227 4.37 -26.90 -9.05
C ALA A 227 3.43 -26.45 -7.92
N GLN A 228 3.83 -26.62 -6.66
CA GLN A 228 3.00 -26.22 -5.52
C GLN A 228 3.21 -24.76 -5.15
N ALA A 229 3.65 -23.92 -6.07
CA ALA A 229 3.85 -22.51 -5.82
C ALA A 229 2.53 -21.76 -5.73
N GLY A 230 1.46 -22.36 -6.26
CA GLY A 230 0.18 -21.72 -6.33
C GLY A 230 -0.35 -21.15 -5.03
N PRO A 231 -0.69 -22.01 -4.06
CA PRO A 231 -1.25 -21.50 -2.82
C PRO A 231 -0.28 -20.84 -1.84
N LEU A 232 0.81 -21.53 -1.51
CA LEU A 232 1.64 -21.19 -0.36
C LEU A 232 2.33 -19.84 -0.51
N MET A 233 3.00 -19.63 -1.65
CA MET A 233 3.75 -18.39 -1.86
C MET A 233 2.84 -17.17 -1.99
N MET A 234 1.72 -17.32 -2.70
CA MET A 234 0.78 -16.22 -2.83
C MET A 234 0.07 -15.92 -1.52
N THR A 235 -0.03 -16.93 -0.64
CA THR A 235 -0.52 -16.68 0.71
C THR A 235 0.52 -15.92 1.53
N LEU A 236 1.78 -16.33 1.43
CA LEU A 236 2.87 -15.70 2.17
C LEU A 236 3.06 -14.24 1.79
N ASN A 237 2.93 -13.92 0.50
CA ASN A 237 3.09 -12.54 0.07
C ASN A 237 2.05 -11.63 0.72
N ALA A 238 0.79 -12.05 0.62
CA ALA A 238 -0.31 -11.26 1.19
C ALA A 238 -0.11 -11.23 2.71
N LEU A 239 -0.04 -12.38 3.35
CA LEU A 239 0.06 -12.38 4.83
C LEU A 239 1.24 -11.50 5.23
N GLY A 240 2.20 -11.27 4.34
CA GLY A 240 3.33 -10.36 4.64
C GLY A 240 2.85 -8.93 4.70
N PHE A 241 2.13 -8.48 3.68
CA PHE A 241 1.56 -7.11 3.68
C PHE A 241 0.80 -6.87 4.97
N SER A 242 0.04 -7.86 5.45
CA SER A 242 -0.79 -7.61 6.66
C SER A 242 0.12 -7.27 7.84
N PHE A 243 1.00 -8.17 8.28
CA PHE A 243 1.82 -7.77 9.44
C PHE A 243 2.46 -6.42 9.13
N GLY A 244 2.66 -6.11 7.85
CA GLY A 244 3.22 -4.81 7.47
C GLY A 244 2.48 -3.67 8.15
N GLN A 245 1.20 -3.53 7.86
CA GLN A 245 0.39 -2.50 8.55
C GLN A 245 0.91 -2.40 9.98
N VAL A 246 0.98 -3.50 10.71
CA VAL A 246 1.37 -3.44 12.15
C VAL A 246 2.81 -2.94 12.33
N LEU A 247 3.69 -3.01 11.34
CA LEU A 247 5.06 -2.41 11.52
C LEU A 247 4.92 -0.88 11.44
N THR A 248 4.05 -0.35 10.57
CA THR A 248 3.80 1.11 10.54
C THR A 248 3.25 1.54 11.90
N GLY A 249 2.08 1.06 12.24
CA GLY A 249 1.54 1.36 13.57
C GLY A 249 2.67 1.48 14.55
N SER A 250 3.50 0.44 14.66
CA SER A 250 4.57 0.46 15.69
C SER A 250 5.61 1.56 15.42
N VAL A 251 6.47 1.45 14.39
CA VAL A 251 7.57 2.45 14.21
C VAL A 251 7.01 3.85 14.43
N ALA A 252 5.75 4.09 14.07
CA ALA A 252 5.14 5.40 14.34
C ALA A 252 5.14 5.63 15.86
N TYR A 253 4.36 4.85 16.60
CA TYR A 253 4.25 5.09 18.07
C TYR A 253 5.62 5.49 18.60
N GLY A 254 6.67 5.03 17.95
CA GLY A 254 8.02 5.32 18.43
C GLY A 254 8.52 6.65 17.92
N VAL A 255 8.67 6.82 16.61
CA VAL A 255 9.22 8.07 16.11
C VAL A 255 8.08 8.96 15.64
N ARG A 256 8.04 10.19 16.13
CA ARG A 256 6.92 11.08 15.88
C ARG A 256 7.17 12.11 14.79
N SER A 257 8.38 12.64 14.68
CA SER A 257 8.68 13.64 13.66
C SER A 257 8.60 13.01 12.27
N TRP A 258 8.72 13.86 11.25
CA TRP A 258 8.66 13.39 9.87
C TRP A 258 10.01 13.32 9.18
N ARG A 259 10.96 14.15 9.57
CA ARG A 259 12.30 14.04 9.00
C ARG A 259 13.07 12.86 9.59
N MET A 260 12.75 12.46 10.81
CA MET A 260 13.37 11.29 11.44
C MET A 260 12.58 10.01 11.22
N LEU A 261 11.45 10.08 10.53
CA LEU A 261 10.69 8.88 10.21
C LEU A 261 11.09 8.29 8.86
N GLN A 262 11.26 9.13 7.85
CA GLN A 262 11.66 8.64 6.54
C GLN A 262 13.04 7.99 6.58
N LEU A 263 13.97 8.60 7.31
CA LEU A 263 15.29 8.01 7.47
C LEU A 263 15.20 6.66 8.19
N ALA A 264 14.45 6.61 9.28
CA ALA A 264 14.34 5.39 10.07
C ALA A 264 13.60 4.29 9.32
N VAL A 265 12.81 4.63 8.31
CA VAL A 265 12.16 3.60 7.51
C VAL A 265 13.01 3.16 6.33
N SER A 266 13.71 4.09 5.67
CA SER A 266 14.49 3.76 4.49
C SER A 266 15.89 3.24 4.82
N ALA A 267 16.34 3.36 6.07
CA ALA A 267 17.65 2.82 6.43
C ALA A 267 17.76 1.30 6.27
N PRO A 268 16.79 0.48 6.70
CA PRO A 268 16.97 -0.98 6.57
C PRO A 268 17.17 -1.46 5.15
N PHE A 269 16.67 -0.74 4.14
CA PHE A 269 16.78 -1.24 2.77
C PHE A 269 18.24 -1.36 2.32
N PHE A 270 19.13 -0.51 2.85
CA PHE A 270 20.54 -0.65 2.53
C PHE A 270 21.10 -1.96 3.06
N LEU A 271 20.76 -2.31 4.30
CA LEU A 271 21.19 -3.60 4.85
C LEU A 271 20.58 -4.75 4.06
N PHE A 272 19.34 -4.60 3.59
CA PHE A 272 18.76 -5.62 2.74
C PHE A 272 19.54 -5.77 1.44
N PHE A 273 19.94 -4.66 0.83
CA PHE A 273 20.73 -4.72 -0.40
C PHE A 273 22.08 -5.39 -0.15
N VAL A 274 22.70 -5.11 0.99
CA VAL A 274 24.01 -5.69 1.27
C VAL A 274 23.93 -7.22 1.29
N TYR A 275 22.89 -7.78 1.92
CA TYR A 275 22.78 -9.23 1.99
C TYR A 275 22.12 -9.83 0.76
N SER A 276 21.49 -9.02 -0.09
CA SER A 276 20.85 -9.56 -1.28
C SER A 276 21.85 -9.97 -2.36
N TRP A 277 23.15 -9.84 -2.11
CA TRP A 277 24.14 -10.18 -3.11
C TRP A 277 24.45 -11.67 -3.18
N TRP A 278 23.86 -12.48 -2.30
CA TRP A 278 24.20 -13.90 -2.25
C TRP A 278 23.08 -14.82 -2.70
N LEU A 279 21.84 -14.33 -2.78
CA LEU A 279 20.73 -15.19 -3.19
C LEU A 279 20.93 -15.65 -4.63
N PRO A 280 20.86 -16.95 -4.91
CA PRO A 280 21.04 -17.42 -6.28
C PRO A 280 19.95 -16.89 -7.21
N GLU A 281 20.36 -16.62 -8.45
CA GLU A 281 19.46 -16.12 -9.47
C GLU A 281 18.57 -17.25 -9.98
N SER A 282 17.38 -16.87 -10.47
CA SER A 282 16.44 -17.85 -11.00
C SER A 282 17.09 -18.67 -12.10
N ALA A 283 16.93 -19.99 -12.01
CA ALA A 283 17.58 -20.91 -12.94
C ALA A 283 16.84 -21.07 -14.26
N ARG A 284 15.55 -20.74 -14.32
CA ARG A 284 14.81 -20.86 -15.57
C ARG A 284 15.16 -19.76 -16.56
N TRP A 285 15.35 -18.53 -16.09
CA TRP A 285 15.72 -17.45 -16.98
C TRP A 285 17.10 -17.65 -17.59
N LEU A 286 18.03 -18.21 -16.81
CA LEU A 286 19.40 -18.39 -17.30
C LEU A 286 19.47 -19.37 -18.46
N ILE A 287 18.57 -20.36 -18.50
CA ILE A 287 18.62 -21.35 -19.58
C ILE A 287 18.21 -20.73 -20.91
N THR A 288 17.14 -19.93 -20.90
CA THR A 288 16.60 -19.38 -22.14
C THR A 288 17.50 -18.34 -22.79
N VAL A 289 18.51 -17.82 -22.07
CA VAL A 289 19.39 -16.81 -22.62
C VAL A 289 20.75 -17.36 -23.03
N GLY A 290 21.05 -18.61 -22.69
CA GLY A 290 22.30 -19.23 -23.10
C GLY A 290 23.39 -19.27 -22.06
N ARG A 291 23.15 -18.78 -20.85
CA ARG A 291 24.15 -18.81 -19.77
C ARG A 291 24.08 -20.13 -19.02
N LEU A 292 24.55 -21.18 -19.70
CA LEU A 292 24.41 -22.54 -19.17
C LEU A 292 25.35 -22.80 -18.00
N ASP A 293 26.58 -22.29 -18.06
CA ASP A 293 27.56 -22.58 -17.02
C ASP A 293 27.14 -21.98 -15.68
N GLN A 294 26.71 -20.72 -15.69
CA GLN A 294 26.25 -20.09 -14.46
C GLN A 294 24.99 -20.77 -13.94
N SER A 295 24.09 -21.20 -14.83
CA SER A 295 22.92 -21.95 -14.41
C SER A 295 23.30 -23.25 -13.74
N LEU A 296 24.30 -23.95 -14.27
CA LEU A 296 24.77 -25.18 -13.65
C LEU A 296 25.36 -24.91 -12.28
N ARG A 297 26.15 -23.84 -12.14
CA ARG A 297 26.70 -23.49 -10.85
C ARG A 297 25.58 -23.18 -9.84
N GLU A 298 24.57 -22.44 -10.28
CA GLU A 298 23.48 -22.08 -9.37
C GLU A 298 22.67 -23.30 -8.96
N LEU A 299 22.39 -24.20 -9.91
CA LEU A 299 21.69 -25.43 -9.57
C LEU A 299 22.51 -26.28 -8.60
N GLN A 300 23.82 -26.36 -8.82
CA GLN A 300 24.67 -27.15 -7.93
C GLN A 300 24.69 -26.57 -6.52
N ARG A 301 24.80 -25.24 -6.39
CA ARG A 301 24.83 -24.65 -5.06
C ARG A 301 23.47 -24.78 -4.37
N VAL A 302 22.39 -24.67 -5.14
CA VAL A 302 21.06 -24.87 -4.56
C VAL A 302 20.91 -26.31 -4.06
N ALA A 303 21.38 -27.28 -4.84
CA ALA A 303 21.33 -28.68 -4.40
C ALA A 303 22.16 -28.89 -3.15
N ALA A 304 23.36 -28.29 -3.11
CA ALA A 304 24.22 -28.43 -1.94
C ALA A 304 23.55 -27.84 -0.70
N VAL A 305 22.88 -26.70 -0.84
CA VAL A 305 22.13 -26.14 0.28
C VAL A 305 20.99 -27.09 0.69
N ASN A 306 20.29 -27.65 -0.29
CA ASN A 306 19.18 -28.55 -0.01
C ASN A 306 19.63 -29.91 0.53
N ARG A 307 20.94 -30.19 0.51
CA ARG A 307 21.55 -31.43 0.97
C ARG A 307 21.18 -32.63 0.10
N ARG A 308 20.50 -32.42 -1.02
CA ARG A 308 20.12 -33.53 -1.91
C ARG A 308 21.19 -33.72 -2.99
N LYS A 309 22.43 -33.90 -2.53
CA LYS A 309 23.58 -34.05 -3.41
C LYS A 309 23.76 -35.49 -3.86
N ALA A 310 22.71 -36.06 -4.44
CA ALA A 310 22.76 -37.41 -5.00
C ALA A 310 22.46 -37.42 -6.49
N GLU A 311 21.44 -36.68 -6.93
CA GLU A 311 21.07 -36.64 -8.33
C GLU A 311 21.72 -35.48 -9.09
N ALA A 312 22.53 -34.66 -8.41
CA ALA A 312 23.17 -33.53 -9.08
C ALA A 312 24.26 -33.97 -10.06
N ASP A 313 24.76 -35.20 -9.93
CA ASP A 313 25.77 -35.70 -10.85
C ASP A 313 25.22 -35.82 -12.26
N THR A 314 23.93 -36.14 -12.41
CA THR A 314 23.35 -36.37 -13.73
C THR A 314 23.43 -35.13 -14.62
N LEU A 315 23.43 -33.94 -14.02
CA LEU A 315 23.48 -32.70 -14.80
C LEU A 315 24.88 -32.54 -15.39
N THR A 316 25.00 -32.83 -16.69
CA THR A 316 26.27 -32.69 -17.39
C THR A 316 26.08 -31.82 -18.64
N VAL A 317 25.41 -30.68 -18.46
CA VAL A 317 25.28 -29.64 -19.48
C VAL A 317 24.38 -30.10 -20.62
N GLU A 318 24.63 -31.31 -21.14
CA GLU A 318 23.90 -31.79 -22.31
C GLU A 318 22.40 -31.85 -22.05
N VAL A 319 22.00 -32.24 -20.83
CA VAL A 319 20.57 -32.28 -20.50
C VAL A 319 19.98 -30.87 -20.53
N LEU A 320 20.69 -29.90 -19.95
CA LEU A 320 20.20 -28.52 -20.00
C LEU A 320 20.29 -27.95 -21.41
N ARG A 321 21.24 -28.43 -22.22
CA ARG A 321 21.26 -28.04 -23.62
C ARG A 321 20.02 -28.54 -24.35
N SER A 322 19.59 -29.77 -24.07
CA SER A 322 18.36 -30.28 -24.64
C SER A 322 17.14 -29.52 -24.11
N ALA A 323 17.18 -29.11 -22.84
CA ALA A 323 16.06 -28.36 -22.28
C ALA A 323 15.86 -27.03 -22.98
N MET A 324 16.96 -26.33 -23.29
CA MET A 324 16.90 -25.04 -23.95
C MET A 324 16.38 -25.19 -25.38
N ARG A 347 -15.15 -13.29 -22.67
CA ARG A 347 -14.85 -11.86 -22.63
C ARG A 347 -15.60 -11.17 -21.50
N LEU A 348 -16.81 -11.65 -21.22
CA LEU A 348 -17.60 -11.09 -20.12
C LEU A 348 -16.91 -11.30 -18.79
N ARG A 349 -16.35 -12.49 -18.57
CA ARG A 349 -15.69 -12.80 -17.30
C ARG A 349 -14.46 -11.93 -17.10
N THR A 350 -13.69 -11.69 -18.17
CA THR A 350 -12.54 -10.81 -18.07
C THR A 350 -12.96 -9.41 -17.66
N PHE A 351 -14.04 -8.89 -18.25
CA PHE A 351 -14.53 -7.57 -17.87
C PHE A 351 -14.98 -7.55 -16.41
N ILE A 352 -15.66 -8.60 -15.98
CA ILE A 352 -16.10 -8.67 -14.58
C ILE A 352 -14.90 -8.62 -13.64
N SER A 353 -13.86 -9.38 -13.96
CA SER A 353 -12.65 -9.35 -13.15
C SER A 353 -12.00 -7.97 -13.16
N MET A 354 -12.02 -7.31 -14.32
CA MET A 354 -11.46 -5.96 -14.42
C MET A 354 -12.18 -5.01 -13.48
N LEU A 355 -13.52 -5.03 -13.50
CA LEU A 355 -14.27 -4.14 -12.62
C LEU A 355 -14.06 -4.49 -11.15
N CYS A 356 -13.96 -5.77 -10.82
CA CYS A 356 -13.73 -6.15 -9.44
C CYS A 356 -12.38 -5.63 -8.94
N TRP A 357 -11.33 -5.82 -9.74
CA TRP A 357 -10.01 -5.32 -9.37
C TRP A 357 -10.02 -3.80 -9.24
N PHE A 358 -10.66 -3.11 -10.19
CA PHE A 358 -10.71 -1.66 -10.16
C PHE A 358 -11.41 -1.15 -8.91
N ALA A 359 -12.55 -1.76 -8.56
CA ALA A 359 -13.28 -1.34 -7.36
C ALA A 359 -12.45 -1.59 -6.11
N PHE A 360 -11.79 -2.75 -6.02
CA PHE A 360 -10.96 -3.03 -4.86
C PHE A 360 -9.87 -1.99 -4.70
N GLY A 361 -9.12 -1.72 -5.76
CA GLY A 361 -8.07 -0.73 -5.67
C GLY A 361 -8.60 0.65 -5.31
N PHE A 362 -9.65 1.14 -5.95
CA PHE A 362 -10.16 2.52 -5.71
C PHE A 362 -10.60 2.70 -4.27
N THR A 363 -11.55 1.92 -3.77
CA THR A 363 -12.02 2.19 -2.39
C THR A 363 -10.90 2.03 -1.36
N PHE A 364 -10.13 0.96 -1.35
CA PHE A 364 -9.14 0.81 -0.25
C PHE A 364 -8.12 1.93 -0.29
N PHE A 365 -7.50 2.20 -1.44
CA PHE A 365 -6.38 3.17 -1.47
C PHE A 365 -6.87 4.62 -1.50
N GLY A 366 -8.13 4.81 -1.18
CA GLY A 366 -8.64 6.18 -1.11
C GLY A 366 -9.29 6.43 0.24
N LEU A 367 -9.54 5.39 1.02
CA LEU A 367 -10.19 5.54 2.33
C LEU A 367 -9.27 4.94 3.39
N ALA A 368 -8.09 4.42 3.01
CA ALA A 368 -7.19 3.92 4.06
C ALA A 368 -6.04 4.89 4.22
N LEU A 369 -5.93 5.86 3.32
CA LEU A 369 -4.87 6.89 3.46
C LEU A 369 -5.53 8.13 4.08
N ASP A 370 -6.62 7.95 4.85
CA ASP A 370 -7.28 9.08 5.51
C ASP A 370 -7.90 8.66 6.85
N LEU A 371 -7.27 7.71 7.53
CA LEU A 371 -7.85 7.10 8.73
C LEU A 371 -8.08 8.12 9.84
N GLN A 372 -7.65 9.37 9.64
CA GLN A 372 -7.95 10.42 10.61
C GLN A 372 -9.40 10.85 10.57
N ALA A 373 -10.14 10.51 9.52
CA ALA A 373 -11.55 10.84 9.42
C ALA A 373 -12.46 9.67 9.72
N LEU A 374 -11.95 8.45 9.77
CA LEU A 374 -12.74 7.28 10.12
C LEU A 374 -12.84 7.05 11.61
N GLY A 375 -12.23 7.91 12.42
CA GLY A 375 -12.27 7.78 13.86
C GLY A 375 -11.20 8.59 14.55
N SER A 376 -10.61 8.03 15.61
CA SER A 376 -9.57 8.69 16.38
C SER A 376 -8.51 7.65 16.75
N ASN A 377 -7.45 8.12 17.41
CA ASN A 377 -6.36 7.25 17.86
C ASN A 377 -5.74 6.51 16.67
N ILE A 378 -5.12 7.30 15.80
CA ILE A 378 -4.57 6.79 14.55
C ILE A 378 -3.53 5.70 14.80
N PHE A 379 -2.75 5.81 15.87
CA PHE A 379 -1.69 4.79 16.04
C PHE A 379 -2.34 3.48 16.50
N LEU A 380 -3.68 3.39 16.50
CA LEU A 380 -4.38 2.11 16.85
C LEU A 380 -4.93 1.55 15.55
N LEU A 381 -5.64 2.39 14.81
CA LEU A 381 -6.02 1.92 13.47
C LEU A 381 -4.68 1.86 12.71
N GLN A 382 -4.65 1.56 11.41
CA GLN A 382 -3.37 1.36 10.72
C GLN A 382 -2.52 0.52 11.65
N ALA A 383 -3.16 -0.28 12.51
CA ALA A 383 -2.43 -1.20 13.39
C ALA A 383 -3.43 -2.25 13.85
N LEU A 384 -4.68 -2.11 13.42
CA LEU A 384 -5.67 -3.17 13.70
C LEU A 384 -6.30 -3.47 12.35
N ILE A 385 -5.80 -2.84 11.28
CA ILE A 385 -6.30 -3.20 9.93
C ILE A 385 -5.61 -4.51 9.57
N GLY A 386 -4.77 -5.04 10.46
CA GLY A 386 -4.01 -6.25 10.14
C GLY A 386 -4.40 -7.46 10.95
N ILE A 387 -4.56 -7.31 12.26
CA ILE A 387 -5.01 -8.45 13.11
C ILE A 387 -6.48 -8.72 12.81
N VAL A 388 -7.13 -7.87 12.02
CA VAL A 388 -8.56 -8.09 11.64
C VAL A 388 -8.58 -8.45 10.16
N ASP A 389 -7.41 -8.71 9.58
CA ASP A 389 -7.35 -9.12 8.17
C ASP A 389 -7.08 -10.61 8.10
N LEU A 390 -6.31 -11.13 9.03
CA LEU A 390 -5.93 -12.54 8.86
C LEU A 390 -7.01 -13.49 9.35
N PRO A 391 -7.52 -13.40 10.60
CA PRO A 391 -8.68 -14.21 10.95
C PRO A 391 -9.86 -14.01 10.02
N VAL A 392 -10.14 -12.76 9.62
CA VAL A 392 -11.31 -12.50 8.80
C VAL A 392 -11.16 -13.18 7.44
N LYS A 393 -10.00 -13.01 6.80
CA LYS A 393 -9.81 -13.64 5.49
C LYS A 393 -9.90 -15.15 5.59
N MET A 394 -9.25 -15.74 6.60
CA MET A 394 -9.27 -17.20 6.72
C MET A 394 -10.68 -17.71 6.95
N GLY A 395 -11.38 -17.16 7.95
CA GLY A 395 -12.71 -17.65 8.27
C GLY A 395 -13.71 -17.41 7.15
N SER A 396 -13.69 -16.21 6.56
CA SER A 396 -14.64 -15.91 5.50
C SER A 396 -14.40 -16.80 4.29
N LEU A 397 -13.13 -16.99 3.90
CA LEU A 397 -12.85 -17.88 2.77
C LEU A 397 -13.33 -19.29 3.06
N LEU A 398 -12.98 -19.83 4.24
CA LEU A 398 -13.32 -21.20 4.58
C LEU A 398 -14.84 -21.40 4.60
N LEU A 399 -15.57 -20.44 5.16
CA LEU A 399 -17.01 -20.60 5.29
C LEU A 399 -17.73 -20.39 3.96
N LEU A 400 -17.24 -19.44 3.14
CA LEU A 400 -18.00 -19.03 1.97
C LEU A 400 -17.62 -19.82 0.72
N SER A 401 -16.45 -20.46 0.69
CA SER A 401 -16.08 -21.25 -0.48
C SER A 401 -17.02 -22.44 -0.68
N ARG A 402 -17.43 -23.09 0.40
CA ARG A 402 -18.31 -24.26 0.28
C ARG A 402 -19.66 -23.89 -0.29
N LEU A 403 -20.14 -22.67 -0.04
CA LEU A 403 -21.36 -22.21 -0.69
C LEU A 403 -21.18 -22.11 -2.20
N GLY A 404 -20.01 -21.67 -2.63
CA GLY A 404 -19.72 -21.58 -4.05
C GLY A 404 -18.68 -20.52 -4.31
N ARG A 405 -18.06 -20.62 -5.49
CA ARG A 405 -17.04 -19.65 -5.86
C ARG A 405 -17.67 -18.29 -6.17
N ARG A 406 -18.74 -18.27 -6.96
CA ARG A 406 -19.38 -17.00 -7.31
C ARG A 406 -20.02 -16.35 -6.10
N LEU A 407 -20.62 -17.14 -5.21
CA LEU A 407 -21.19 -16.57 -3.99
C LEU A 407 -20.10 -15.93 -3.13
N CYS A 408 -18.94 -16.59 -3.02
CA CYS A 408 -17.83 -16.02 -2.27
C CYS A 408 -17.34 -14.73 -2.92
N GLN A 409 -17.25 -14.71 -4.26
CA GLN A 409 -16.81 -13.51 -4.96
C GLN A 409 -17.78 -12.36 -4.73
N ALA A 410 -19.09 -12.62 -4.80
CA ALA A 410 -20.07 -11.57 -4.62
C ALA A 410 -20.12 -11.07 -3.19
N SER A 411 -20.07 -11.99 -2.22
CA SER A 411 -20.21 -11.63 -0.81
C SER A 411 -19.03 -10.84 -0.27
N SER A 412 -17.90 -10.80 -0.99
CA SER A 412 -16.72 -10.09 -0.53
C SER A 412 -16.63 -8.66 -1.04
N LEU A 413 -17.60 -8.21 -1.83
CA LEU A 413 -17.62 -6.85 -2.33
C LEU A 413 -18.84 -6.05 -1.89
N VAL A 414 -20.01 -6.69 -1.79
CA VAL A 414 -21.19 -5.99 -1.28
C VAL A 414 -21.05 -5.72 0.21
N LEU A 415 -20.49 -6.69 0.95
CA LEU A 415 -20.40 -6.56 2.40
C LEU A 415 -19.60 -5.33 2.85
N PRO A 416 -18.37 -5.10 2.38
CA PRO A 416 -17.65 -3.92 2.88
C PRO A 416 -18.19 -2.61 2.34
N GLY A 417 -18.76 -2.62 1.12
CA GLY A 417 -19.41 -1.42 0.63
C GLY A 417 -20.58 -1.01 1.50
N LEU A 418 -21.43 -1.98 1.86
CA LEU A 418 -22.55 -1.70 2.77
C LEU A 418 -22.03 -1.28 4.14
N CYS A 419 -20.97 -1.95 4.62
CA CYS A 419 -20.41 -1.60 5.93
C CYS A 419 -19.92 -0.16 5.95
N ILE A 420 -19.23 0.27 4.90
CA ILE A 420 -18.75 1.65 4.85
C ILE A 420 -19.91 2.62 4.66
N LEU A 421 -20.90 2.26 3.85
CA LEU A 421 -22.06 3.12 3.67
C LEU A 421 -22.82 3.35 4.96
N ALA A 422 -22.89 2.35 5.84
CA ALA A 422 -23.59 2.51 7.11
C ALA A 422 -22.85 3.42 8.08
N ASN A 423 -21.58 3.71 7.83
CA ASN A 423 -20.79 4.52 8.76
C ASN A 423 -21.30 5.96 8.83
N ILE A 424 -21.73 6.52 7.70
CA ILE A 424 -22.18 7.91 7.70
C ILE A 424 -23.50 8.04 8.44
N LEU A 425 -24.32 7.00 8.41
CA LEU A 425 -25.64 7.03 9.02
C LEU A 425 -25.58 7.21 10.54
N VAL A 426 -24.78 6.40 11.22
CA VAL A 426 -24.70 6.43 12.67
C VAL A 426 -24.10 7.76 13.12
N PRO A 427 -24.70 8.43 14.10
CA PRO A 427 -24.15 9.70 14.58
C PRO A 427 -22.90 9.48 15.43
N ARG A 428 -22.21 10.58 15.71
CA ARG A 428 -20.96 10.57 16.45
C ARG A 428 -21.16 10.41 17.96
N GLU A 429 -22.39 10.12 18.40
CA GLU A 429 -22.67 9.97 19.82
C GLU A 429 -22.02 8.74 20.43
N MET A 430 -21.78 7.69 19.64
CA MET A 430 -21.12 6.48 20.17
C MET A 430 -19.88 6.25 19.31
N GLY A 431 -18.72 6.51 19.91
CA GLY A 431 -17.47 6.43 19.16
C GLY A 431 -17.12 5.02 18.72
N ILE A 432 -17.39 4.03 19.58
CA ILE A 432 -16.98 2.66 19.32
C ILE A 432 -17.67 2.14 18.07
N LEU A 433 -18.96 2.46 17.91
CA LEU A 433 -19.67 2.06 16.70
C LEU A 433 -19.23 2.91 15.51
N ARG A 434 -18.88 4.17 15.77
CA ARG A 434 -18.39 5.03 14.69
C ARG A 434 -17.08 4.53 14.11
N SER A 435 -16.30 3.79 14.89
CA SER A 435 -15.00 3.30 14.45
C SER A 435 -14.97 1.82 14.12
N SER A 436 -15.93 1.03 14.62
CA SER A 436 -15.91 -0.41 14.43
C SER A 436 -16.14 -0.83 12.98
N LEU A 437 -17.12 -0.20 12.32
CA LEU A 437 -17.55 -0.62 10.99
C LEU A 437 -16.42 -0.50 9.97
N ALA A 438 -15.64 0.58 10.06
CA ALA A 438 -14.58 0.84 9.09
C ALA A 438 -13.51 -0.23 9.12
N VAL A 439 -13.13 -0.67 10.33
CA VAL A 439 -12.09 -1.69 10.44
C VAL A 439 -12.54 -2.99 9.80
N LEU A 440 -13.76 -3.42 10.08
CA LEU A 440 -14.28 -4.65 9.47
C LEU A 440 -14.38 -4.51 7.96
N GLY A 441 -14.83 -3.35 7.47
CA GLY A 441 -14.92 -3.14 6.04
C GLY A 441 -13.57 -3.22 5.36
N LEU A 442 -12.72 -2.25 5.74
CA LEU A 442 -11.41 -2.13 5.07
C LEU A 442 -10.75 -3.48 5.27
N GLY A 443 -11.09 -4.14 6.36
CA GLY A 443 -10.59 -5.51 6.54
C GLY A 443 -11.12 -6.41 5.44
N SER A 444 -12.42 -6.42 5.21
CA SER A 444 -12.99 -7.36 4.22
C SER A 444 -12.68 -6.94 2.79
N LEU A 445 -12.32 -5.68 2.54
CA LEU A 445 -11.91 -5.31 1.16
C LEU A 445 -10.57 -5.96 0.92
N GLY A 446 -9.77 -6.10 1.97
CA GLY A 446 -8.51 -6.83 1.81
C GLY A 446 -8.78 -8.27 1.40
N ALA A 447 -9.95 -8.81 1.75
CA ALA A 447 -10.22 -10.24 1.46
C ALA A 447 -10.40 -10.43 -0.05
N ALA A 448 -10.79 -9.39 -0.78
CA ALA A 448 -10.87 -9.55 -2.25
C ALA A 448 -9.48 -9.84 -2.81
N PHE A 449 -8.46 -9.07 -2.41
CA PHE A 449 -7.07 -9.26 -2.93
C PHE A 449 -6.73 -10.75 -3.02
N THR A 450 -7.05 -11.54 -1.99
CA THR A 450 -6.81 -13.01 -2.04
C THR A 450 -7.94 -13.69 -2.81
N CYS A 451 -9.19 -13.57 -2.33
CA CYS A 451 -10.34 -14.29 -2.95
C CYS A 451 -10.37 -14.13 -4.47
N VAL A 452 -10.05 -12.95 -5.02
CA VAL A 452 -10.22 -12.74 -6.49
C VAL A 452 -8.96 -13.16 -7.28
N THR A 453 -8.15 -14.05 -6.71
CA THR A 453 -6.90 -14.41 -7.42
C THR A 453 -6.65 -15.91 -7.30
N ILE A 454 -6.66 -16.44 -6.08
CA ILE A 454 -6.33 -17.88 -5.90
C ILE A 454 -7.64 -18.67 -6.00
N PHE A 455 -8.78 -17.98 -5.94
CA PHE A 455 -10.06 -18.67 -6.15
C PHE A 455 -10.66 -18.15 -7.46
N SER A 456 -10.29 -16.92 -7.83
CA SER A 456 -10.72 -16.41 -9.12
C SER A 456 -9.57 -16.56 -10.12
N SER A 457 -9.70 -15.90 -11.27
CA SER A 457 -8.78 -15.94 -12.41
C SER A 457 -8.84 -17.25 -13.16
N GLU A 458 -9.72 -18.18 -12.76
CA GLU A 458 -9.96 -19.39 -13.54
C GLU A 458 -11.05 -19.18 -14.58
N LEU A 459 -11.70 -18.03 -14.58
CA LEU A 459 -12.80 -17.74 -15.49
C LEU A 459 -12.29 -17.48 -16.90
N PHE A 460 -11.69 -18.50 -17.52
CA PHE A 460 -11.10 -18.39 -18.85
C PHE A 460 -10.79 -19.80 -19.35
N PRO A 461 -10.32 -19.98 -20.62
CA PRO A 461 -10.07 -21.34 -21.13
C PRO A 461 -9.16 -22.22 -20.27
N THR A 462 -8.59 -21.65 -19.21
CA THR A 462 -7.85 -22.40 -18.19
C THR A 462 -6.65 -23.13 -18.81
N VAL A 463 -5.74 -22.31 -19.32
CA VAL A 463 -4.42 -22.78 -19.77
C VAL A 463 -3.34 -22.45 -18.74
N ILE A 464 -3.17 -21.16 -18.43
CA ILE A 464 -2.33 -20.73 -17.33
C ILE A 464 -2.90 -19.42 -16.79
N ARG A 465 -2.95 -19.32 -15.47
CA ARG A 465 -3.57 -18.17 -14.83
C ARG A 465 -2.68 -16.93 -14.84
N MET A 466 -1.40 -17.08 -15.18
CA MET A 466 -0.46 -15.97 -15.09
C MET A 466 -0.66 -14.94 -16.20
N THR A 467 -1.42 -15.26 -17.24
CA THR A 467 -1.76 -14.28 -18.27
C THR A 467 -3.01 -13.49 -17.92
N ALA A 468 -3.64 -13.77 -16.78
CA ALA A 468 -4.82 -13.06 -16.34
C ALA A 468 -4.60 -12.32 -15.03
N VAL A 469 -3.78 -12.88 -14.13
CA VAL A 469 -3.53 -12.22 -12.85
C VAL A 469 -2.85 -10.88 -13.06
N GLY A 470 -1.84 -10.84 -13.95
CA GLY A 470 -1.17 -9.59 -14.26
C GLY A 470 -2.10 -8.58 -14.91
N LEU A 471 -2.93 -9.04 -15.83
CA LEU A 471 -3.88 -8.16 -16.49
C LEU A 471 -4.84 -7.55 -15.48
N GLY A 472 -5.19 -8.29 -14.46
CA GLY A 472 -6.05 -7.66 -13.45
C GLY A 472 -5.33 -6.53 -12.75
N GLN A 473 -4.09 -6.74 -12.33
CA GLN A 473 -3.41 -5.71 -11.50
C GLN A 473 -3.31 -4.37 -12.20
N VAL A 474 -3.27 -4.30 -13.53
CA VAL A 474 -3.06 -2.95 -14.16
C VAL A 474 -4.19 -2.01 -13.74
N ALA A 475 -5.41 -2.54 -13.59
CA ALA A 475 -6.57 -1.69 -13.20
C ALA A 475 -6.50 -1.29 -11.72
N ALA A 476 -6.11 -2.20 -10.83
CA ALA A 476 -5.99 -1.85 -9.40
C ALA A 476 -5.09 -0.62 -9.26
N ARG A 477 -3.84 -0.70 -9.71
CA ARG A 477 -2.87 0.43 -9.58
C ARG A 477 -3.13 1.41 -10.72
N GLY A 478 -4.30 1.32 -11.34
CA GLY A 478 -4.67 2.28 -12.39
C GLY A 478 -6.00 2.87 -12.01
N GLY A 479 -6.44 2.56 -10.80
CA GLY A 479 -7.70 3.13 -10.29
C GLY A 479 -7.43 3.66 -8.91
N ALA A 480 -6.26 3.36 -8.41
CA ALA A 480 -5.88 3.96 -7.13
C ALA A 480 -5.31 5.32 -7.49
N MET A 481 -4.65 5.44 -8.64
CA MET A 481 -4.28 6.79 -9.01
C MET A 481 -5.51 7.67 -9.24
N LEU A 482 -6.66 7.05 -9.55
CA LEU A 482 -7.95 7.71 -9.52
C LEU A 482 -8.64 7.52 -8.18
N GLY A 483 -7.87 7.45 -7.10
CA GLY A 483 -8.37 7.16 -5.78
C GLY A 483 -8.52 8.42 -4.95
N PRO A 484 -7.50 8.75 -4.16
CA PRO A 484 -7.55 9.92 -3.28
C PRO A 484 -7.97 11.22 -3.97
N LEU A 485 -8.04 11.22 -5.31
CA LEU A 485 -8.59 12.38 -6.00
C LEU A 485 -10.05 12.61 -5.65
N VAL A 486 -10.77 11.55 -5.26
CA VAL A 486 -12.16 11.71 -4.84
C VAL A 486 -12.23 12.50 -3.53
N ARG A 487 -11.25 12.32 -2.64
CA ARG A 487 -11.23 13.06 -1.39
C ARG A 487 -11.08 14.55 -1.61
N LEU A 488 -10.70 14.98 -2.82
CA LEU A 488 -10.67 16.40 -3.16
C LEU A 488 -12.06 17.00 -3.20
N LEU A 489 -13.11 16.16 -3.14
CA LEU A 489 -14.49 16.62 -3.13
C LEU A 489 -15.00 16.89 -1.72
N GLY A 490 -14.10 17.26 -0.80
CA GLY A 490 -14.54 17.63 0.54
C GLY A 490 -15.48 18.83 0.53
N VAL A 491 -15.25 19.78 -0.36
CA VAL A 491 -16.19 20.87 -0.59
C VAL A 491 -17.44 20.27 -1.21
N TYR A 492 -18.56 21.00 -1.15
CA TYR A 492 -19.85 20.49 -1.57
C TYR A 492 -20.19 19.22 -0.78
N GLY A 493 -20.35 19.39 0.53
CA GLY A 493 -20.67 18.26 1.40
C GLY A 493 -19.47 17.37 1.67
N SER A 494 -19.45 16.80 2.87
CA SER A 494 -18.40 15.87 3.27
C SER A 494 -18.83 14.41 3.23
N TRP A 495 -20.13 14.15 3.05
CA TRP A 495 -20.63 12.79 2.97
C TRP A 495 -20.46 12.17 1.59
N LEU A 496 -20.33 13.00 0.55
CA LEU A 496 -20.20 12.46 -0.81
C LEU A 496 -18.97 11.56 -1.01
N PRO A 497 -17.78 11.89 -0.50
CA PRO A 497 -16.65 10.95 -0.67
C PRO A 497 -16.93 9.57 -0.09
N LEU A 498 -17.45 9.50 1.13
CA LEU A 498 -17.78 8.20 1.71
C LEU A 498 -18.89 7.52 0.94
N LEU A 499 -19.86 8.29 0.46
CA LEU A 499 -20.95 7.71 -0.31
C LEU A 499 -20.42 7.04 -1.58
N VAL A 500 -19.51 7.73 -2.28
CA VAL A 500 -18.93 7.15 -3.50
C VAL A 500 -18.08 5.93 -3.17
N TYR A 501 -17.23 6.05 -2.15
CA TYR A 501 -16.36 4.96 -1.74
C TYR A 501 -17.14 3.74 -1.29
N GLY A 502 -18.39 3.93 -0.85
CA GLY A 502 -19.22 2.81 -0.49
C GLY A 502 -20.04 2.27 -1.64
N VAL A 503 -20.48 3.15 -2.53
CA VAL A 503 -21.38 2.71 -3.60
C VAL A 503 -20.62 1.96 -4.68
N VAL A 504 -19.39 2.38 -4.99
CA VAL A 504 -18.66 1.77 -6.12
C VAL A 504 -18.42 0.28 -5.88
N PRO A 505 -17.86 -0.16 -4.75
CA PRO A 505 -17.75 -1.62 -4.54
C PRO A 505 -19.09 -2.31 -4.50
N VAL A 506 -20.13 -1.66 -3.98
CA VAL A 506 -21.46 -2.27 -3.95
C VAL A 506 -21.96 -2.55 -5.36
N LEU A 507 -21.86 -1.55 -6.23
CA LEU A 507 -22.30 -1.74 -7.62
C LEU A 507 -21.45 -2.80 -8.32
N SER A 508 -20.13 -2.79 -8.08
CA SER A 508 -19.28 -3.79 -8.72
C SER A 508 -19.66 -5.20 -8.27
N GLY A 509 -19.84 -5.41 -6.96
CA GLY A 509 -20.21 -6.72 -6.49
C GLY A 509 -21.58 -7.17 -6.96
N LEU A 510 -22.54 -6.24 -6.98
CA LEU A 510 -23.88 -6.58 -7.47
C LEU A 510 -23.88 -6.91 -8.95
N ALA A 511 -23.12 -6.17 -9.77
CA ALA A 511 -23.01 -6.50 -11.18
C ALA A 511 -22.24 -7.79 -11.41
N ALA A 512 -21.38 -8.18 -10.46
CA ALA A 512 -20.73 -9.47 -10.56
C ALA A 512 -21.73 -10.62 -10.56
N LEU A 513 -22.94 -10.39 -10.06
CA LEU A 513 -23.98 -11.41 -10.09
C LEU A 513 -24.55 -11.63 -11.49
N LEU A 514 -24.19 -10.79 -12.46
CA LEU A 514 -24.67 -10.92 -13.83
C LEU A 514 -23.67 -11.65 -14.73
N LEU A 515 -22.97 -12.65 -14.19
CA LEU A 515 -22.05 -13.42 -15.01
C LEU A 515 -22.72 -14.06 -16.22
N PRO A 516 -23.89 -14.70 -16.11
CA PRO A 516 -24.49 -15.20 -17.35
C PRO A 516 -25.15 -14.09 -18.16
CAA R75 B . -0.85 -4.32 -3.88
CAB R75 B . -0.35 -3.55 -4.91
CAC R75 B . -0.94 -2.34 -5.29
CAD R75 B . -2.06 -1.94 -4.56
CAE R75 B . -2.57 -2.69 -3.53
CAF R75 B . -1.97 -3.89 -3.17
CAJ R75 B . -2.43 -4.61 -1.96
CAL R75 B . -2.19 -4.02 -0.59
CAM R75 B . -2.90 -4.25 0.53
CAO R75 B . -1.30 -2.86 1.12
CAP R75 B . -1.13 -3.09 -0.23
CAQ R75 B . -4.09 -5.06 0.93
CAR R75 B . -4.26 -5.11 2.43
CAS R75 B . -0.49 -2.02 1.85
CAT R75 B . 0.55 -1.38 1.17
CAU R75 B . 0.74 -1.60 -0.18
CAV R75 B . -0.09 -2.45 -0.89
OAG R75 B . -0.45 -1.57 -6.28
OAK R75 B . -3.01 -5.68 -2.07
OAN R75 B . -2.39 -3.56 1.61
BR1 R75 B . -2.87 -0.29 -4.99
BR2 R75 B . 1.25 -4.08 -5.77
#